data_6XLZ
#
_entry.id   6XLZ
#
_cell.length_a   130.393
_cell.length_b   130.393
_cell.length_c   170.898
_cell.angle_alpha   90.000
_cell.angle_beta   90.000
_cell.angle_gamma   120.000
#
_symmetry.space_group_name_H-M   'P 61 2 2'
#
loop_
_entity.id
_entity.type
_entity.pdbx_description
1 polymer 'Envelope glycoprotein gp160'
2 polymer NHP_D11A.F2_Fab_Heavy_chain
3 polymer NHP_D11A.F2_Fab_Light_Chain
4 non-polymer (R,R)-2,3-BUTANEDIOL
5 non-polymer 'SULFATE ION'
6 water water
#
loop_
_entity_poly.entity_id
_entity_poly.type
_entity_poly.pdbx_seq_one_letter_code
_entity_poly.pdbx_strand_id
1 'polypeptide(L)' RLDIVPLEEERKGNSSKYRLINC P,A
2 'polypeptide(L)'
;QLQLQESGPGLVKPSETLSLTCTVSDGSIRDYWWNWIRQPPGKGLEWIGRIDSVVNTYYNPSLKSRVTLSVDTSKNQVSL
RLSSVTAADTAVYYCARPYCPGSACYDSWGQGVLVTVSSASTKGPSVFPLAPSSKSTSGGTAALGCLVKDYFPEPVTVSW
NSGALTSGVHTFPAVLQSSGLYSLSSVVTVPSSSLGTQTYICNVNHKPSNTKVDKRVEPKSC
;
H
3 'polypeptide(L)'
;EVVFTQPHSVSGSPGQTVTISCTRSSGSLDSEYVQWYQQRPGRAPTIVIYRDNQRPSGVPDRFSGSIDSSSNSASLAISG
LKSEDEADYYCQSADDSYNWVFGGGTRLTVLSQPKAAPSVTLFPPSSEELQANKATLVCLISDFYPGAVTVAWKADSSPV
KAGVETTTPSKQSNNKYAASSYLSLTPEQWKSHRSYSCQVTHEGSTVEKTVAPTECS
;
L
#
loop_
_chem_comp.id
_chem_comp.type
_chem_comp.name
_chem_comp.formula
BU3 non-polymer (R,R)-2,3-BUTANEDIOL 'C4 H10 O2'
SO4 non-polymer 'SULFATE ION' 'O4 S -2'
#
# COMPACT_ATOMS: atom_id res chain seq x y z
N LEU A 2 -2.09 -22.30 -37.96
CA LEU A 2 -1.98 -23.35 -36.91
C LEU A 2 -2.59 -22.91 -35.58
N ASP A 3 -2.55 -21.64 -35.17
CA ASP A 3 -3.00 -21.19 -33.85
C ASP A 3 -4.17 -20.25 -33.83
N ILE A 4 -4.99 -20.31 -32.80
CA ILE A 4 -6.12 -19.42 -32.50
C ILE A 4 -5.63 -18.64 -31.33
N VAL A 5 -5.40 -17.39 -31.46
CA VAL A 5 -4.94 -16.62 -30.31
C VAL A 5 -6.04 -15.66 -30.03
N PRO A 6 -6.42 -15.21 -28.65
CA PRO A 6 -7.43 -14.21 -28.27
C PRO A 6 -6.97 -12.79 -28.53
N LEU A 7 -7.90 -11.98 -29.03
CA LEU A 7 -7.64 -10.56 -29.25
C LEU A 7 -7.99 -9.73 -28.03
N GLU A 8 -8.94 -10.19 -27.21
CA GLU A 8 -9.38 -9.50 -26.01
C GLU A 8 -9.44 -10.53 -24.88
N GLU A 9 -9.59 -10.03 -23.65
CA GLU A 9 -9.70 -10.92 -22.50
C GLU A 9 -10.81 -11.93 -22.70
N GLU A 10 -10.50 -13.20 -22.49
CA GLU A 10 -11.52 -14.25 -22.53
C GLU A 10 -12.42 -14.13 -21.31
N ARG A 11 -13.71 -14.43 -21.49
CA ARG A 11 -14.71 -14.16 -20.47
C ARG A 11 -15.47 -15.42 -20.08
N LYS A 12 -15.91 -15.45 -18.83
CA LYS A 12 -16.70 -16.57 -18.33
C LYS A 12 -18.11 -16.52 -18.92
N GLY A 13 -18.51 -17.61 -19.54
CA GLY A 13 -19.87 -17.74 -20.02
C GLY A 13 -20.23 -16.78 -21.15
N ASN A 14 -19.23 -16.13 -21.75
CA ASN A 14 -19.47 -15.20 -22.86
C ASN A 14 -18.44 -15.41 -23.95
N SER A 15 -18.88 -15.29 -25.21
CA SER A 15 -17.98 -15.41 -26.33
C SER A 15 -17.15 -14.14 -26.48
N SER A 16 -16.00 -14.28 -27.14
CA SER A 16 -15.08 -13.19 -27.34
C SER A 16 -14.33 -13.38 -28.65
N LYS A 17 -13.55 -12.36 -29.03
CA LYS A 17 -12.97 -12.30 -30.36
C LYS A 17 -11.59 -12.93 -30.38
N TYR A 18 -11.29 -13.61 -31.48
CA TYR A 18 -10.03 -14.29 -31.71
C TYR A 18 -9.52 -13.99 -33.12
N ARG A 19 -8.29 -14.42 -33.40
CA ARG A 19 -7.82 -14.46 -34.77
C ARG A 19 -6.97 -15.70 -35.00
N LEU A 20 -7.05 -16.23 -36.22
CA LEU A 20 -6.23 -17.34 -36.66
C LEU A 20 -4.88 -16.83 -37.15
N ILE A 21 -3.84 -17.61 -36.89
CA ILE A 21 -2.48 -17.23 -37.26
C ILE A 21 -1.77 -18.45 -37.86
N GLN B 1 7.61 -15.60 -14.20
CA GLN B 1 7.13 -15.97 -15.56
C GLN B 1 7.71 -14.96 -16.57
N LEU B 2 6.86 -14.22 -17.26
CA LEU B 2 7.37 -13.32 -18.30
C LEU B 2 8.30 -12.24 -17.72
N GLN B 3 9.50 -12.12 -18.30
CA GLN B 3 10.32 -10.93 -18.10
C GLN B 3 9.84 -9.88 -19.09
N LEU B 4 9.51 -8.69 -18.58
CA LEU B 4 8.59 -7.75 -19.21
C LEU B 4 9.14 -6.33 -19.29
N GLN B 5 10.38 -6.14 -18.85
CA GLN B 5 11.14 -4.90 -19.00
C GLN B 5 10.28 -3.66 -18.81
N GLU B 6 9.83 -3.48 -17.57
CA GLU B 6 9.07 -2.31 -17.19
C GLU B 6 10.01 -1.15 -16.88
N SER B 7 9.69 0.02 -17.40
CA SER B 7 10.59 1.18 -17.33
C SER B 7 9.81 2.46 -17.10
N GLY B 8 10.38 3.34 -16.27
CA GLY B 8 9.79 4.63 -15.99
C GLY B 8 10.62 5.48 -15.05
N PRO B 9 10.25 6.76 -14.91
CA PRO B 9 11.00 7.66 -14.04
C PRO B 9 10.74 7.41 -12.57
N GLY B 10 11.79 7.62 -11.78
CA GLY B 10 11.64 7.58 -10.34
C GLY B 10 10.86 8.76 -9.80
N LEU B 11 10.97 9.92 -10.48
CA LEU B 11 10.44 11.18 -9.97
C LEU B 11 9.82 11.97 -11.11
N VAL B 12 8.63 12.50 -10.85
CA VAL B 12 7.87 13.29 -11.82
C VAL B 12 7.30 14.51 -11.10
N LYS B 13 7.36 15.71 -11.78
CA LYS B 13 6.89 16.92 -11.13
C LYS B 13 5.40 17.15 -11.41
N PRO B 14 4.67 17.70 -10.42
CA PRO B 14 3.22 17.89 -10.61
C PRO B 14 2.88 18.61 -11.92
N SER B 15 1.79 18.17 -12.51
CA SER B 15 1.27 18.62 -13.81
C SER B 15 2.17 18.27 -14.96
N GLU B 16 3.24 17.51 -14.73
CA GLU B 16 3.89 16.82 -15.83
C GLU B 16 3.00 15.67 -16.28
N THR B 17 3.41 14.95 -17.33
CA THR B 17 2.80 13.68 -17.67
C THR B 17 3.76 12.57 -17.25
N LEU B 18 3.25 11.64 -16.43
CA LEU B 18 3.97 10.44 -16.02
C LEU B 18 3.82 9.39 -17.11
N SER B 19 4.95 8.86 -17.58
CA SER B 19 4.93 7.89 -18.67
C SER B 19 5.77 6.67 -18.31
N LEU B 20 5.20 5.49 -18.59
CA LEU B 20 5.81 4.21 -18.31
C LEU B 20 5.69 3.32 -19.54
N THR B 21 6.59 2.34 -19.66
CA THR B 21 6.50 1.39 -20.75
C THR B 21 6.84 -0.02 -20.27
N CYS B 22 6.34 -1.01 -21.03
CA CYS B 22 6.72 -2.41 -20.89
C CYS B 22 6.85 -2.98 -22.29
N THR B 23 7.75 -3.96 -22.46
CA THR B 23 7.95 -4.57 -23.76
C THR B 23 7.87 -6.08 -23.66
N VAL B 24 7.61 -6.72 -24.79
CA VAL B 24 7.59 -8.19 -24.87
C VAL B 24 8.80 -8.67 -25.69
N SER B 25 9.27 -9.87 -25.37
CA SER B 25 10.40 -10.47 -26.08
C SER B 25 10.02 -11.75 -26.81
N ASP B 26 8.73 -12.09 -26.86
CA ASP B 26 8.26 -13.29 -27.53
C ASP B 26 7.57 -13.01 -28.86
N GLY B 27 7.63 -11.76 -29.34
CA GLY B 27 7.11 -11.39 -30.63
C GLY B 27 5.62 -11.18 -30.70
N SER B 28 4.95 -11.01 -29.56
CA SER B 28 3.50 -11.10 -29.50
C SER B 28 2.80 -9.75 -29.44
N ILE B 29 3.52 -8.65 -29.66
CA ILE B 29 2.93 -7.35 -29.36
C ILE B 29 1.68 -7.06 -30.17
N ARG B 30 1.51 -7.70 -31.33
CA ARG B 30 0.33 -7.46 -32.15
C ARG B 30 -0.89 -8.22 -31.65
N ASP B 31 -0.77 -8.98 -30.56
CA ASP B 31 -1.86 -9.80 -30.07
C ASP B 31 -1.94 -9.70 -28.56
N TYR B 32 -3.02 -10.25 -28.02
CA TYR B 32 -3.32 -10.19 -26.59
C TYR B 32 -3.51 -8.75 -26.08
N TRP B 33 -3.29 -8.53 -24.79
CA TRP B 33 -3.66 -7.28 -24.16
C TRP B 33 -2.67 -6.90 -23.06
N TRP B 34 -2.82 -5.68 -22.56
CA TRP B 34 -2.10 -5.23 -21.38
C TRP B 34 -3.09 -4.64 -20.39
N ASN B 35 -2.93 -4.99 -19.10
CA ASN B 35 -3.62 -4.31 -18.01
C ASN B 35 -2.61 -3.51 -17.22
N TRP B 36 -3.02 -2.32 -16.76
CA TRP B 36 -2.18 -1.49 -15.92
C TRP B 36 -2.78 -1.34 -14.54
N ILE B 37 -1.92 -1.43 -13.53
CA ILE B 37 -2.31 -1.41 -12.13
C ILE B 37 -1.34 -0.49 -11.39
N ARG B 38 -1.79 0.06 -10.27
CA ARG B 38 -0.87 0.78 -9.41
C ARG B 38 -1.21 0.54 -7.95
N GLN B 39 -0.22 0.83 -7.10
CA GLN B 39 -0.30 0.54 -5.66
C GLN B 39 0.43 1.66 -4.90
N PRO B 40 -0.32 2.59 -4.29
CA PRO B 40 0.31 3.51 -3.33
C PRO B 40 0.97 2.73 -2.22
N PRO B 41 2.25 2.97 -1.94
CA PRO B 41 2.98 2.08 -1.02
C PRO B 41 2.26 1.91 0.31
N GLY B 42 2.03 0.65 0.68
CA GLY B 42 1.32 0.37 1.91
C GLY B 42 -0.18 0.35 1.77
N LYS B 43 -0.71 0.50 0.55
CA LYS B 43 -2.15 0.45 0.30
C LYS B 43 -2.44 -0.62 -0.75
N GLY B 44 -3.70 -0.69 -1.14
CA GLY B 44 -4.17 -1.76 -2.00
C GLY B 44 -3.93 -1.50 -3.47
N LEU B 45 -4.43 -2.42 -4.29
CA LEU B 45 -4.23 -2.40 -5.74
C LEU B 45 -5.36 -1.61 -6.39
N GLU B 46 -4.99 -0.68 -7.27
CA GLU B 46 -5.92 0.09 -8.10
C GLU B 46 -5.62 -0.18 -9.56
N TRP B 47 -6.65 -0.59 -10.29
CA TRP B 47 -6.52 -0.86 -11.72
C TRP B 47 -6.71 0.42 -12.50
N ILE B 48 -5.87 0.62 -13.50
CA ILE B 48 -5.86 1.85 -14.29
C ILE B 48 -6.61 1.69 -15.59
N GLY B 49 -6.35 0.61 -16.32
CA GLY B 49 -7.04 0.38 -17.58
C GLY B 49 -6.44 -0.79 -18.34
N ARG B 50 -6.99 -1.00 -19.54
CA ARG B 50 -6.53 -2.07 -20.41
C ARG B 50 -6.55 -1.58 -21.86
N ILE B 51 -5.59 -2.08 -22.64
CA ILE B 51 -5.58 -1.94 -24.08
C ILE B 51 -5.36 -3.34 -24.66
N ASP B 52 -6.10 -3.65 -25.74
CA ASP B 52 -6.03 -4.98 -26.31
C ASP B 52 -5.96 -4.90 -27.84
N SER B 53 -6.00 -6.06 -28.49
CA SER B 53 -5.64 -6.20 -29.90
C SER B 53 -6.85 -6.15 -30.84
N VAL B 54 -8.07 -6.15 -30.30
CA VAL B 54 -9.16 -5.50 -31.01
C VAL B 54 -8.84 -4.03 -31.21
N VAL B 55 -7.93 -3.49 -30.40
CA VAL B 55 -7.69 -2.07 -30.19
C VAL B 55 -8.98 -1.45 -29.65
N ASN B 56 -9.46 -2.04 -28.55
CA ASN B 56 -10.32 -1.37 -27.59
C ASN B 56 -9.47 -0.93 -26.41
N THR B 57 -9.91 0.12 -25.72
CA THR B 57 -9.31 0.52 -24.47
C THR B 57 -10.37 0.58 -23.39
N TYR B 58 -9.96 0.24 -22.16
CA TYR B 58 -10.82 0.20 -20.99
C TYR B 58 -10.15 1.03 -19.92
N TYR B 59 -10.92 1.89 -19.23
CA TYR B 59 -10.32 2.80 -18.25
C TYR B 59 -11.08 2.80 -16.93
N ASN B 60 -10.33 2.99 -15.85
CA ASN B 60 -10.89 3.29 -14.54
C ASN B 60 -11.57 4.66 -14.59
N PRO B 61 -12.88 4.77 -14.30
CA PRO B 61 -13.54 6.08 -14.39
C PRO B 61 -12.83 7.17 -13.62
N SER B 62 -12.19 6.85 -12.49
CA SER B 62 -11.51 7.87 -11.72
C SER B 62 -10.36 8.50 -12.49
N LEU B 63 -9.80 7.78 -13.48
CA LEU B 63 -8.60 8.22 -14.17
C LEU B 63 -8.78 8.44 -15.68
N LYS B 64 -9.87 7.93 -16.27
CA LYS B 64 -10.04 7.92 -17.72
C LYS B 64 -9.67 9.27 -18.36
N SER B 65 -10.06 10.37 -17.71
CA SER B 65 -9.77 11.68 -18.27
C SER B 65 -8.26 11.87 -18.48
N ARG B 66 -7.45 11.29 -17.60
CA ARG B 66 -6.03 11.61 -17.54
C ARG B 66 -5.15 10.54 -18.16
N VAL B 67 -5.72 9.40 -18.56
CA VAL B 67 -4.96 8.23 -18.94
C VAL B 67 -4.97 8.07 -20.46
N THR B 68 -3.80 7.77 -21.00
CA THR B 68 -3.64 7.34 -22.39
C THR B 68 -2.88 6.03 -22.41
N LEU B 69 -3.47 5.02 -23.05
CA LEU B 69 -2.82 3.73 -23.25
C LEU B 69 -2.55 3.54 -24.74
N SER B 70 -1.34 3.06 -25.06
CA SER B 70 -0.94 2.92 -26.45
C SER B 70 0.00 1.73 -26.61
N VAL B 71 -0.04 1.16 -27.82
CA VAL B 71 0.85 0.09 -28.23
C VAL B 71 1.63 0.58 -29.44
N ASP B 72 2.96 0.49 -29.36
CA ASP B 72 3.83 0.72 -30.49
C ASP B 72 4.41 -0.63 -30.90
N THR B 73 3.79 -1.25 -31.92
CA THR B 73 4.26 -2.55 -32.39
C THR B 73 5.67 -2.50 -32.94
N SER B 74 6.16 -1.32 -33.33
CA SER B 74 7.53 -1.19 -33.82
C SER B 74 8.54 -1.42 -32.71
N LYS B 75 8.32 -0.82 -31.53
CA LYS B 75 9.19 -0.98 -30.37
C LYS B 75 8.78 -2.14 -29.47
N ASN B 76 7.73 -2.88 -29.85
CA ASN B 76 7.28 -4.06 -29.12
C ASN B 76 6.84 -3.69 -27.71
N GLN B 77 6.25 -2.52 -27.54
CA GLN B 77 5.95 -2.01 -26.22
C GLN B 77 4.53 -1.47 -26.10
N VAL B 78 4.07 -1.47 -24.85
CA VAL B 78 2.90 -0.71 -24.44
C VAL B 78 3.43 0.51 -23.68
N SER B 79 2.66 1.59 -23.71
CA SER B 79 2.98 2.75 -22.91
C SER B 79 1.74 3.21 -22.15
N LEU B 80 1.95 3.67 -20.92
CA LEU B 80 0.93 4.32 -20.12
C LEU B 80 1.38 5.75 -19.87
N ARG B 81 0.53 6.72 -20.25
CA ARG B 81 0.80 8.14 -20.01
C ARG B 81 -0.33 8.68 -19.14
N LEU B 82 0.03 9.20 -17.97
CA LEU B 82 -0.90 9.75 -17.01
C LEU B 82 -0.60 11.22 -16.82
N SER B 83 -1.57 12.07 -17.14
CA SER B 83 -1.34 13.51 -17.20
C SER B 83 -1.89 14.21 -15.96
N SER B 84 -1.42 15.44 -15.75
CA SER B 84 -1.87 16.31 -14.68
C SER B 84 -1.67 15.66 -13.31
N VAL B 85 -0.46 15.17 -13.08
CA VAL B 85 -0.21 14.36 -11.89
C VAL B 85 -0.12 15.24 -10.64
N THR B 86 -0.44 14.64 -9.51
CA THR B 86 -0.29 15.22 -8.18
C THR B 86 0.46 14.22 -7.32
N ALA B 87 0.81 14.64 -6.10
CA ALA B 87 1.49 13.73 -5.19
C ALA B 87 0.65 12.50 -4.86
N ALA B 88 -0.67 12.58 -5.05
CA ALA B 88 -1.54 11.43 -4.80
C ALA B 88 -1.34 10.32 -5.82
N ASP B 89 -0.65 10.59 -6.94
CA ASP B 89 -0.36 9.58 -7.95
C ASP B 89 0.95 8.86 -7.66
N THR B 90 1.55 9.11 -6.51
CA THR B 90 2.73 8.38 -6.08
C THR B 90 2.37 6.93 -5.80
N ALA B 91 2.96 6.01 -6.55
CA ALA B 91 2.60 4.60 -6.44
C ALA B 91 3.63 3.75 -7.16
N VAL B 92 3.61 2.46 -6.83
CA VAL B 92 4.26 1.45 -7.67
C VAL B 92 3.29 1.11 -8.79
N TYR B 93 3.70 1.33 -10.03
CA TYR B 93 2.87 1.04 -11.19
C TYR B 93 3.29 -0.32 -11.73
N TYR B 94 2.31 -1.11 -12.17
CA TYR B 94 2.56 -2.41 -12.76
C TYR B 94 1.87 -2.54 -14.11
N CYS B 95 2.55 -3.19 -15.05
CA CYS B 95 1.92 -3.68 -16.28
C CYS B 95 1.71 -5.18 -16.11
N ALA B 96 0.57 -5.67 -16.61
CA ALA B 96 0.22 -7.07 -16.53
C ALA B 96 -0.06 -7.59 -17.94
N ARG B 97 0.62 -8.67 -18.31
CA ARG B 97 0.57 -9.32 -19.62
C ARG B 97 0.18 -10.79 -19.46
N PRO B 98 -0.75 -11.30 -20.29
CA PRO B 98 -1.14 -12.71 -20.15
C PRO B 98 0.00 -13.64 -20.52
N TYR B 99 0.22 -14.64 -19.66
CA TYR B 99 1.17 -15.71 -19.87
C TYR B 99 0.40 -16.98 -20.20
N CYS B 100 0.73 -17.60 -21.33
CA CYS B 100 -0.04 -18.72 -21.85
C CYS B 100 0.89 -19.90 -22.13
N PRO B 101 1.13 -20.74 -21.13
CA PRO B 101 1.89 -21.99 -21.35
C PRO B 101 1.13 -23.06 -22.11
N GLY B 102 -0.08 -22.75 -22.59
CA GLY B 102 -0.91 -23.68 -23.33
C GLY B 102 -2.19 -22.99 -23.77
N SER B 103 -3.32 -23.68 -23.66
CA SER B 103 -4.59 -23.07 -24.04
C SER B 103 -5.04 -22.04 -23.01
N ALA B 104 -4.73 -22.24 -21.73
CA ALA B 104 -5.15 -21.33 -20.67
C ALA B 104 -4.12 -20.24 -20.46
N CYS B 105 -4.58 -19.06 -20.03
CA CYS B 105 -3.71 -17.93 -19.76
C CYS B 105 -4.01 -17.36 -18.37
N TYR B 106 -2.95 -16.86 -17.72
CA TYR B 106 -3.07 -16.10 -16.49
C TYR B 106 -2.03 -14.99 -16.54
N ASP B 107 -2.31 -13.90 -15.83
CA ASP B 107 -1.53 -12.68 -15.98
C ASP B 107 -0.22 -12.74 -15.20
N SER B 108 0.83 -12.26 -15.85
CA SER B 108 2.16 -12.08 -15.25
C SER B 108 2.45 -10.58 -15.20
N TRP B 109 2.90 -10.11 -14.05
CA TRP B 109 3.09 -8.69 -13.85
C TRP B 109 4.56 -8.30 -13.95
N GLY B 110 4.80 -7.03 -14.28
CA GLY B 110 6.15 -6.51 -14.31
C GLY B 110 6.77 -6.43 -12.93
N GLN B 111 8.04 -6.05 -12.85
CA GLN B 111 8.71 -5.91 -11.56
C GLN B 111 8.05 -4.84 -10.69
N GLY B 112 7.51 -3.81 -11.32
CA GLY B 112 6.98 -2.67 -10.61
C GLY B 112 7.95 -1.50 -10.65
N VAL B 113 7.43 -0.31 -10.94
CA VAL B 113 8.21 0.92 -10.94
C VAL B 113 7.54 1.91 -10.01
N LEU B 114 8.27 2.31 -8.97
CA LEU B 114 7.77 3.32 -8.03
C LEU B 114 8.00 4.69 -8.64
N VAL B 115 6.90 5.41 -8.89
CA VAL B 115 6.97 6.80 -9.32
C VAL B 115 6.58 7.69 -8.15
N THR B 116 7.50 8.58 -7.76
CA THR B 116 7.23 9.63 -6.78
C THR B 116 6.88 10.91 -7.53
N VAL B 117 5.80 11.56 -7.13
CA VAL B 117 5.36 12.81 -7.75
C VAL B 117 5.60 13.93 -6.76
N SER B 118 6.47 14.87 -7.13
CA SER B 118 6.83 15.96 -6.24
C SER B 118 7.49 17.09 -7.02
N SER B 119 7.08 18.32 -6.74
CA SER B 119 7.71 19.50 -7.32
C SER B 119 8.94 19.91 -6.53
N ALA B 120 9.27 19.19 -5.46
CA ALA B 120 10.23 19.70 -4.48
C ALA B 120 11.67 19.58 -4.96
N SER B 121 12.45 20.61 -4.65
CA SER B 121 13.90 20.58 -4.71
C SER B 121 14.45 20.04 -3.39
N THR B 122 15.76 19.86 -3.36
CA THR B 122 16.39 19.23 -2.20
C THR B 122 16.26 20.13 -0.97
N LYS B 123 15.65 19.60 0.08
CA LYS B 123 15.41 20.35 1.31
C LYS B 123 15.69 19.51 2.55
N GLY B 124 16.28 20.14 3.56
CA GLY B 124 16.56 19.49 4.82
C GLY B 124 15.42 19.66 5.80
N PRO B 125 15.38 18.82 6.84
CA PRO B 125 14.21 18.77 7.71
C PRO B 125 14.11 19.94 8.70
N SER B 126 12.87 20.17 9.13
CA SER B 126 12.55 20.96 10.31
C SER B 126 12.19 19.98 11.41
N VAL B 127 12.93 20.01 12.51
CA VAL B 127 12.78 19.04 13.59
C VAL B 127 12.08 19.71 14.77
N PHE B 128 11.05 19.03 15.30
CA PHE B 128 10.20 19.53 16.36
C PHE B 128 10.14 18.51 17.50
N PRO B 129 10.26 18.95 18.75
CA PRO B 129 10.20 18.00 19.87
C PRO B 129 8.79 17.52 20.13
N LEU B 130 8.70 16.25 20.53
CA LEU B 130 7.45 15.62 20.95
C LEU B 130 7.59 15.40 22.46
N ALA B 131 7.21 16.42 23.23
CA ALA B 131 7.58 16.52 24.64
C ALA B 131 6.75 15.58 25.53
N PRO B 132 7.34 15.10 26.62
CA PRO B 132 6.68 14.05 27.41
C PRO B 132 5.51 14.56 28.24
N SER B 133 4.61 13.63 28.54
CA SER B 133 3.37 13.89 29.26
C SER B 133 2.65 15.13 28.72
N GLY B 140 4.46 4.97 35.49
CA GLY B 140 5.87 5.02 35.88
C GLY B 140 6.76 5.54 34.76
N THR B 141 6.30 5.45 33.51
CA THR B 141 7.14 5.73 32.36
C THR B 141 6.45 6.67 31.38
N ALA B 142 7.27 7.41 30.65
CA ALA B 142 6.80 8.42 29.71
C ALA B 142 7.50 8.25 28.37
N ALA B 143 6.83 8.69 27.30
CA ALA B 143 7.36 8.67 25.95
C ALA B 143 7.65 10.09 25.48
N LEU B 144 8.78 10.25 24.78
CA LEU B 144 9.20 11.52 24.21
C LEU B 144 9.89 11.24 22.88
N GLY B 145 9.80 12.20 21.96
CA GLY B 145 10.33 11.96 20.64
C GLY B 145 10.60 13.24 19.87
N CYS B 146 10.79 13.06 18.57
CA CYS B 146 10.93 14.17 17.63
C CYS B 146 10.12 13.91 16.37
N LEU B 147 9.55 14.97 15.82
CA LEU B 147 8.96 14.97 14.50
C LEU B 147 9.95 15.59 13.54
N VAL B 148 10.41 14.79 12.56
CA VAL B 148 11.35 15.23 11.54
C VAL B 148 10.52 15.51 10.29
N LYS B 149 10.24 16.79 10.01
CA LYS B 149 9.19 17.15 9.07
C LYS B 149 9.72 17.92 7.88
N ASP B 150 9.11 17.63 6.72
CA ASP B 150 9.25 18.37 5.47
C ASP B 150 10.70 18.40 4.97
N TYR B 151 11.15 17.23 4.52
CA TYR B 151 12.45 17.09 3.88
C TYR B 151 12.32 16.30 2.58
N PHE B 152 13.29 16.49 1.68
CA PHE B 152 13.32 15.79 0.40
C PHE B 152 14.72 15.82 -0.18
N PRO B 153 15.22 14.72 -0.79
CA PRO B 153 14.66 13.37 -0.87
C PRO B 153 14.94 12.59 0.42
N GLU B 154 14.76 11.27 0.41
CA GLU B 154 15.17 10.43 1.53
C GLU B 154 16.65 10.12 1.43
N PRO B 155 17.27 9.60 2.51
CA PRO B 155 16.71 9.34 3.84
C PRO B 155 17.14 10.36 4.89
N VAL B 156 16.70 10.19 6.13
CA VAL B 156 17.31 10.86 7.27
C VAL B 156 17.85 9.80 8.21
N THR B 157 19.00 10.09 8.82
CA THR B 157 19.45 9.38 10.01
C THR B 157 18.94 10.12 11.23
N VAL B 158 18.50 9.38 12.24
CA VAL B 158 18.13 9.98 13.52
C VAL B 158 18.64 9.08 14.64
N SER B 159 19.37 9.68 15.58
CA SER B 159 19.98 9.00 16.72
C SER B 159 19.71 9.86 17.95
N TRP B 160 19.95 9.30 19.12
CA TRP B 160 19.66 9.97 20.39
C TRP B 160 20.90 10.08 21.24
N ASN B 161 21.12 11.28 21.79
CA ASN B 161 22.31 11.60 22.58
C ASN B 161 23.57 11.17 21.84
N SER B 162 23.62 11.51 20.56
CA SER B 162 24.76 11.22 19.68
C SER B 162 25.14 9.75 19.75
N GLY B 163 24.13 8.88 19.86
CA GLY B 163 24.33 7.45 19.85
C GLY B 163 24.36 6.80 21.22
N ALA B 164 24.39 7.59 22.29
CA ALA B 164 24.50 7.03 23.63
C ALA B 164 23.22 6.31 24.05
N LEU B 165 22.08 6.61 23.41
CA LEU B 165 20.79 6.06 23.81
C LEU B 165 20.22 5.26 22.65
N THR B 166 19.90 3.99 22.91
CA THR B 166 19.38 3.14 21.85
C THR B 166 18.27 2.20 22.30
N SER B 167 18.36 1.68 23.53
CA SER B 167 17.35 0.74 24.00
C SER B 167 16.03 1.47 24.25
N GLY B 168 14.94 0.91 23.73
CA GLY B 168 13.65 1.54 23.88
C GLY B 168 13.41 2.68 22.94
N VAL B 169 14.09 2.69 21.79
CA VAL B 169 13.95 3.73 20.78
C VAL B 169 13.29 3.12 19.55
N HIS B 170 12.27 3.79 19.04
CA HIS B 170 11.61 3.41 17.80
C HIS B 170 11.70 4.58 16.81
N THR B 171 12.28 4.33 15.64
CA THR B 171 12.25 5.29 14.53
C THR B 171 11.37 4.71 13.43
N PHE B 172 10.34 5.48 13.03
CA PHE B 172 9.30 4.99 12.12
C PHE B 172 9.62 5.35 10.67
N PRO B 173 9.09 4.57 9.71
CA PRO B 173 9.38 4.84 8.30
C PRO B 173 8.69 6.10 7.81
N ALA B 174 9.30 6.72 6.81
CA ALA B 174 8.89 8.05 6.39
C ALA B 174 7.57 8.01 5.63
N VAL B 175 6.89 9.15 5.66
CA VAL B 175 5.61 9.37 5.00
C VAL B 175 5.78 10.50 4.00
N LEU B 176 5.30 10.29 2.77
CA LEU B 176 5.29 11.36 1.79
C LEU B 176 3.98 12.12 1.94
N GLN B 177 4.08 13.44 2.11
CA GLN B 177 2.92 14.28 2.34
C GLN B 177 2.47 14.96 1.04
N SER B 178 1.24 15.48 1.10
CA SER B 178 0.62 16.16 -0.03
C SER B 178 1.54 17.16 -0.68
N SER B 179 2.43 17.80 0.09
CA SER B 179 3.34 18.79 -0.47
C SER B 179 4.33 18.17 -1.45
N GLY B 180 4.60 16.88 -1.34
CA GLY B 180 5.74 16.28 -2.01
C GLY B 180 6.99 16.20 -1.17
N LEU B 181 6.87 16.39 0.15
CA LEU B 181 7.98 16.35 1.09
C LEU B 181 7.71 15.23 2.07
N TYR B 182 8.80 14.60 2.54
CA TYR B 182 8.71 13.47 3.46
C TYR B 182 8.66 13.97 4.91
N SER B 183 8.19 13.10 5.80
CA SER B 183 8.16 13.38 7.23
C SER B 183 8.25 12.06 7.99
N LEU B 184 8.85 12.13 9.18
CA LEU B 184 9.25 10.95 9.93
C LEU B 184 9.29 11.29 11.42
N SER B 185 9.22 10.24 12.24
CA SER B 185 9.24 10.40 13.68
C SER B 185 10.18 9.38 14.32
N SER B 186 10.72 9.77 15.47
CA SER B 186 11.44 8.88 16.38
C SER B 186 10.93 9.12 17.79
N VAL B 187 10.86 8.06 18.58
CA VAL B 187 10.31 8.14 19.93
C VAL B 187 11.08 7.22 20.86
N VAL B 188 11.13 7.63 22.14
CA VAL B 188 11.86 6.92 23.18
C VAL B 188 10.95 6.73 24.38
N THR B 189 11.06 5.58 25.03
CA THR B 189 10.34 5.29 26.27
C THR B 189 11.33 5.23 27.42
N VAL B 190 11.07 6.03 28.46
CA VAL B 190 12.05 6.24 29.54
C VAL B 190 11.30 6.27 30.87
N PRO B 191 12.03 6.10 31.98
CA PRO B 191 11.40 6.27 33.30
C PRO B 191 11.15 7.74 33.59
N SER B 192 9.98 8.02 34.17
CA SER B 192 9.57 9.40 34.39
C SER B 192 10.62 10.19 35.16
N SER B 193 11.23 9.56 36.17
CA SER B 193 12.18 10.23 37.06
C SER B 193 13.36 10.83 36.32
N SER B 194 13.57 10.47 35.06
CA SER B 194 14.71 11.00 34.31
C SER B 194 14.45 12.39 33.77
N LEU B 195 13.22 12.91 33.93
CA LEU B 195 12.79 14.05 33.13
C LEU B 195 13.65 15.28 33.39
N GLY B 196 13.97 15.57 34.65
CA GLY B 196 14.81 16.70 34.99
C GLY B 196 16.28 16.37 35.09
N THR B 197 16.66 15.14 34.77
CA THR B 197 18.00 14.60 35.02
C THR B 197 18.83 14.43 33.76
N GLN B 198 18.23 13.93 32.69
CA GLN B 198 18.96 13.63 31.46
C GLN B 198 18.59 14.62 30.35
N THR B 199 19.60 15.07 29.62
CA THR B 199 19.39 16.04 28.53
C THR B 199 19.16 15.25 27.23
N TYR B 200 17.90 14.87 27.03
CA TYR B 200 17.54 14.06 25.87
C TYR B 200 17.60 14.90 24.60
N ILE B 201 18.27 14.38 23.58
CA ILE B 201 18.50 15.10 22.34
C ILE B 201 18.28 14.19 21.15
N CYS B 202 17.65 14.74 20.10
CA CYS B 202 17.61 14.09 18.79
C CYS B 202 18.76 14.62 17.95
N ASN B 203 19.53 13.72 17.34
CA ASN B 203 20.57 14.08 16.38
C ASN B 203 20.11 13.58 15.02
N VAL B 204 19.76 14.51 14.12
CA VAL B 204 19.17 14.21 12.83
C VAL B 204 20.12 14.68 11.74
N ASN B 205 20.46 13.78 10.82
CA ASN B 205 21.38 14.07 9.72
C ASN B 205 20.68 13.76 8.40
N HIS B 206 20.47 14.80 7.59
CA HIS B 206 19.90 14.68 6.25
C HIS B 206 21.06 14.94 5.29
N LYS B 207 21.78 13.87 4.92
CA LYS B 207 22.97 14.03 4.10
C LYS B 207 22.69 14.67 2.75
N PRO B 208 21.55 14.43 2.09
CA PRO B 208 21.34 15.02 0.76
C PRO B 208 21.44 16.53 0.73
N SER B 209 21.05 17.22 1.81
CA SER B 209 21.13 18.67 1.89
C SER B 209 22.29 19.15 2.74
N ASN B 210 23.14 18.23 3.22
CA ASN B 210 24.23 18.56 4.12
C ASN B 210 23.71 19.22 5.39
N THR B 211 22.64 18.67 5.95
CA THR B 211 22.00 19.21 7.13
C THR B 211 22.25 18.29 8.32
N LYS B 212 22.65 18.89 9.45
CA LYS B 212 22.66 18.21 10.75
C LYS B 212 21.91 19.10 11.73
N VAL B 213 20.99 18.51 12.47
CA VAL B 213 20.18 19.22 13.46
C VAL B 213 20.22 18.42 14.77
N ASP B 214 20.42 19.13 15.88
CA ASP B 214 20.36 18.57 17.22
C ASP B 214 19.23 19.26 17.96
N LYS B 215 18.32 18.48 18.55
CA LYS B 215 17.10 19.04 19.15
C LYS B 215 16.90 18.48 20.56
N ARG B 216 16.87 19.38 21.54
CA ARG B 216 16.59 19.03 22.93
C ARG B 216 15.09 18.86 23.12
N VAL B 217 14.73 17.88 23.96
CA VAL B 217 13.33 17.52 24.16
C VAL B 217 12.99 17.61 25.64
N GLU B 218 12.79 18.83 26.14
CA GLU B 218 12.46 19.07 27.53
C GLU B 218 10.97 18.91 27.77
N PRO B 219 10.58 18.66 29.03
CA PRO B 219 9.15 18.51 29.32
C PRO B 219 8.38 19.79 29.06
N LYS B 220 7.07 19.63 29.00
CA LYS B 220 6.17 20.72 28.65
C LYS B 220 6.32 21.91 29.59
N GLU C 1 -18.50 1.41 -9.13
CA GLU C 1 -19.78 1.10 -8.43
C GLU C 1 -19.67 -0.19 -7.63
N VAL C 2 -19.41 -1.31 -8.31
CA VAL C 2 -19.36 -2.59 -7.62
C VAL C 2 -18.04 -2.71 -6.86
N VAL C 3 -18.10 -3.24 -5.65
CA VAL C 3 -16.91 -3.49 -4.84
C VAL C 3 -16.85 -4.96 -4.45
N PHE C 4 -15.62 -5.44 -4.24
CA PHE C 4 -15.33 -6.76 -3.69
C PHE C 4 -14.68 -6.55 -2.33
N THR C 5 -15.35 -6.92 -1.25
CA THR C 5 -14.80 -6.70 0.09
C THR C 5 -14.19 -7.96 0.66
N GLN C 6 -13.04 -7.79 1.32
CA GLN C 6 -12.26 -8.85 1.93
C GLN C 6 -12.04 -8.53 3.41
N PRO C 7 -11.80 -9.54 4.24
CA PRO C 7 -11.33 -9.26 5.60
C PRO C 7 -9.98 -8.58 5.56
N HIS C 8 -9.77 -7.61 6.45
CA HIS C 8 -8.47 -6.94 6.49
C HIS C 8 -7.37 -7.92 6.91
N SER C 9 -7.70 -8.88 7.79
CA SER C 9 -6.73 -9.76 8.39
C SER C 9 -7.32 -11.15 8.59
N VAL C 10 -6.49 -12.16 8.32
CA VAL C 10 -6.79 -13.56 8.60
C VAL C 10 -5.56 -14.16 9.25
N SER C 11 -5.77 -14.99 10.26
CA SER C 11 -4.66 -15.56 11.02
C SER C 11 -4.91 -17.04 11.25
N GLY C 12 -3.80 -17.79 11.32
CA GLY C 12 -3.86 -19.21 11.59
C GLY C 12 -2.48 -19.74 11.95
N SER C 13 -2.48 -20.82 12.72
CA SER C 13 -1.23 -21.43 13.15
C SER C 13 -0.75 -22.46 12.13
N PRO C 14 0.54 -22.81 12.15
CA PRO C 14 1.07 -23.78 11.18
C PRO C 14 0.24 -25.04 11.15
N GLY C 15 0.05 -25.57 9.93
CA GLY C 15 -0.72 -26.77 9.73
C GLY C 15 -2.22 -26.58 9.67
N GLN C 16 -2.73 -25.44 10.13
CA GLN C 16 -4.15 -25.11 10.09
C GLN C 16 -4.56 -24.75 8.67
N THR C 17 -5.87 -24.69 8.44
CA THR C 17 -6.42 -24.28 7.15
C THR C 17 -7.11 -22.94 7.34
N VAL C 18 -6.77 -21.99 6.47
CA VAL C 18 -7.33 -20.65 6.52
C VAL C 18 -8.08 -20.36 5.23
N THR C 19 -9.13 -19.55 5.36
CA THR C 19 -9.99 -19.16 4.25
C THR C 19 -10.01 -17.65 4.12
N ILE C 20 -9.86 -17.15 2.90
CA ILE C 20 -9.96 -15.72 2.62
C ILE C 20 -11.13 -15.51 1.67
N SER C 21 -12.13 -14.77 2.13
CA SER C 21 -13.35 -14.55 1.37
C SER C 21 -13.24 -13.26 0.56
N CYS C 22 -14.10 -13.16 -0.45
CA CYS C 22 -14.15 -12.01 -1.37
C CYS C 22 -15.60 -11.90 -1.83
N THR C 23 -16.33 -10.93 -1.27
CA THR C 23 -17.77 -10.81 -1.49
C THR C 23 -18.07 -9.62 -2.38
N ARG C 24 -18.86 -9.85 -3.43
CA ARG C 24 -19.20 -8.83 -4.41
C ARG C 24 -20.50 -8.11 -4.02
N SER C 25 -20.49 -6.78 -4.15
CA SER C 25 -21.55 -5.98 -3.55
C SER C 25 -22.79 -5.95 -4.43
N SER C 26 -22.62 -5.92 -5.75
CA SER C 26 -23.75 -5.88 -6.66
C SER C 26 -23.47 -6.76 -7.87
N GLY C 27 -24.54 -7.31 -8.44
CA GLY C 27 -24.41 -8.21 -9.58
C GLY C 27 -23.93 -9.57 -9.15
N SER C 28 -23.94 -10.53 -10.08
CA SER C 28 -23.57 -11.90 -9.76
C SER C 28 -22.04 -12.04 -9.80
N LEU C 29 -21.47 -12.52 -8.68
CA LEU C 29 -20.03 -12.79 -8.67
C LEU C 29 -19.67 -13.87 -9.67
N ASP C 30 -20.51 -14.91 -9.78
CA ASP C 30 -20.25 -16.03 -10.68
C ASP C 30 -20.32 -15.63 -12.16
N SER C 31 -20.63 -14.38 -12.48
CA SER C 31 -20.71 -13.97 -13.87
C SER C 31 -19.35 -13.64 -14.47
N GLU C 32 -18.34 -13.36 -13.63
CA GLU C 32 -16.99 -13.09 -14.08
C GLU C 32 -16.00 -13.97 -13.32
N TYR C 33 -14.92 -14.35 -14.02
CA TYR C 33 -13.87 -15.13 -13.38
C TYR C 33 -13.27 -14.37 -12.20
N VAL C 34 -12.91 -15.10 -11.15
CA VAL C 34 -12.23 -14.53 -10.00
C VAL C 34 -10.79 -15.03 -9.97
N GLN C 35 -9.85 -14.10 -9.82
CA GLN C 35 -8.43 -14.41 -9.67
C GLN C 35 -8.01 -14.09 -8.24
N TRP C 36 -7.00 -14.80 -7.75
CA TRP C 36 -6.39 -14.53 -6.47
C TRP C 36 -4.92 -14.23 -6.65
N TYR C 37 -4.49 -13.09 -6.11
CA TYR C 37 -3.10 -12.66 -6.15
C TYR C 37 -2.48 -12.77 -4.78
N GLN C 38 -1.24 -13.24 -4.75
CA GLN C 38 -0.41 -13.23 -3.56
C GLN C 38 0.66 -12.16 -3.72
N GLN C 39 0.88 -11.38 -2.66
CA GLN C 39 1.92 -10.36 -2.67
C GLN C 39 2.79 -10.51 -1.42
N ARG C 40 4.06 -10.90 -1.63
CA ARG C 40 5.05 -10.86 -0.57
C ARG C 40 5.68 -9.47 -0.50
N PRO C 41 6.17 -9.06 0.66
CA PRO C 41 6.59 -7.65 0.83
C PRO C 41 7.64 -7.25 -0.19
N GLY C 42 7.44 -6.08 -0.79
CA GLY C 42 8.40 -5.54 -1.74
C GLY C 42 8.40 -6.20 -3.10
N ARG C 43 7.53 -7.17 -3.35
CA ARG C 43 7.49 -7.88 -4.62
C ARG C 43 6.13 -7.68 -5.28
N ALA C 44 6.10 -7.90 -6.60
CA ALA C 44 4.87 -7.69 -7.35
C ALA C 44 3.88 -8.83 -7.08
N PRO C 45 2.57 -8.55 -7.18
CA PRO C 45 1.58 -9.63 -6.99
C PRO C 45 1.72 -10.70 -8.06
N THR C 46 1.53 -11.95 -7.64
CA THR C 46 1.53 -13.09 -8.55
C THR C 46 0.26 -13.90 -8.36
N ILE C 47 -0.15 -14.57 -9.44
CA ILE C 47 -1.36 -15.37 -9.42
C ILE C 47 -1.12 -16.62 -8.59
N VAL C 48 -2.06 -16.92 -7.67
CA VAL C 48 -2.13 -18.23 -7.05
C VAL C 48 -3.35 -19.02 -7.51
N ILE C 49 -4.44 -18.33 -7.88
CA ILE C 49 -5.63 -18.94 -8.47
C ILE C 49 -6.08 -18.04 -9.61
N TYR C 50 -6.50 -18.65 -10.73
CA TYR C 50 -7.14 -17.89 -11.80
C TYR C 50 -8.34 -18.68 -12.34
N ARG C 51 -9.21 -17.98 -13.05
CA ARG C 51 -10.45 -18.57 -13.56
C ARG C 51 -11.15 -19.36 -12.47
N ASP C 52 -11.36 -18.69 -11.33
CA ASP C 52 -12.08 -19.20 -10.17
C ASP C 52 -11.29 -20.24 -9.38
N ASN C 53 -10.68 -21.22 -10.06
CA ASN C 53 -10.12 -22.35 -9.31
C ASN C 53 -8.92 -23.04 -9.96
N GLN C 54 -8.21 -22.40 -10.87
CA GLN C 54 -7.09 -23.01 -11.57
C GLN C 54 -5.77 -22.55 -10.95
N ARG C 55 -4.84 -23.49 -10.84
CA ARG C 55 -3.58 -23.21 -10.22
C ARG C 55 -2.45 -23.20 -11.24
N PRO C 56 -1.60 -22.18 -11.25
CA PRO C 56 -0.35 -22.27 -12.03
C PRO C 56 0.51 -23.43 -11.55
N SER C 57 1.35 -23.94 -12.45
CA SER C 57 2.41 -24.85 -12.02
C SER C 57 3.39 -24.07 -11.15
N GLY C 58 3.80 -24.68 -10.04
CA GLY C 58 4.59 -23.99 -9.05
C GLY C 58 3.80 -23.49 -7.86
N VAL C 59 2.48 -23.56 -7.93
CA VAL C 59 1.61 -23.21 -6.80
C VAL C 59 1.13 -24.52 -6.17
N PRO C 60 1.26 -24.70 -4.86
CA PRO C 60 0.89 -25.98 -4.25
C PRO C 60 -0.58 -26.31 -4.42
N ASP C 61 -0.86 -27.62 -4.33
CA ASP C 61 -2.23 -28.10 -4.25
C ASP C 61 -2.90 -27.72 -2.94
N ARG C 62 -2.14 -27.13 -2.00
CA ARG C 62 -2.73 -26.63 -0.76
C ARG C 62 -3.63 -25.42 -0.98
N PHE C 63 -3.42 -24.68 -2.08
CA PHE C 63 -4.23 -23.52 -2.41
C PHE C 63 -5.45 -23.95 -3.22
N SER C 64 -6.64 -23.54 -2.78
CA SER C 64 -7.90 -23.93 -3.41
C SER C 64 -8.80 -22.72 -3.58
N GLY C 65 -9.42 -22.62 -4.76
CA GLY C 65 -10.36 -21.56 -5.07
C GLY C 65 -11.78 -22.12 -5.19
N SER C 66 -12.76 -21.31 -4.78
CA SER C 66 -14.15 -21.75 -4.83
C SER C 66 -15.05 -20.54 -5.02
N ILE C 67 -16.27 -20.84 -5.48
CA ILE C 67 -17.30 -19.87 -5.78
C ILE C 67 -18.56 -20.28 -5.03
N ASP C 68 -19.27 -19.30 -4.44
CA ASP C 68 -20.52 -19.59 -3.74
C ASP C 68 -21.53 -18.51 -4.14
N SER C 69 -22.40 -18.85 -5.08
CA SER C 69 -23.36 -17.89 -5.60
C SER C 69 -24.41 -17.49 -4.58
N SER C 70 -24.55 -18.26 -3.48
CA SER C 70 -25.57 -17.93 -2.48
C SER C 70 -25.11 -16.78 -1.60
N SER C 71 -23.84 -16.78 -1.20
CA SER C 71 -23.23 -15.65 -0.48
C SER C 71 -22.66 -14.61 -1.42
N ASN C 72 -22.74 -14.82 -2.73
CA ASN C 72 -22.16 -13.94 -3.75
C ASN C 72 -20.68 -13.70 -3.48
N SER C 73 -19.95 -14.77 -3.16
CA SER C 73 -18.58 -14.63 -2.72
C SER C 73 -17.68 -15.67 -3.38
N ALA C 74 -16.39 -15.32 -3.44
CA ALA C 74 -15.33 -16.24 -3.79
C ALA C 74 -14.45 -16.47 -2.57
N SER C 75 -13.79 -17.62 -2.52
CA SER C 75 -12.95 -17.94 -1.37
C SER C 75 -11.65 -18.60 -1.82
N LEU C 76 -10.57 -18.24 -1.13
CA LEU C 76 -9.25 -18.85 -1.30
C LEU C 76 -8.92 -19.59 -0.01
N ALA C 77 -8.88 -20.92 -0.09
CA ALA C 77 -8.56 -21.76 1.07
C ALA C 77 -7.12 -22.22 0.94
N ILE C 78 -6.35 -22.04 2.01
CA ILE C 78 -4.96 -22.48 2.07
C ILE C 78 -4.85 -23.47 3.24
N SER C 79 -4.68 -24.74 2.92
CA SER C 79 -4.58 -25.80 3.92
C SER C 79 -3.11 -26.09 4.26
N GLY C 80 -2.91 -26.75 5.38
CA GLY C 80 -1.56 -27.10 5.79
C GLY C 80 -0.65 -25.90 5.89
N LEU C 81 -1.16 -24.81 6.45
CA LEU C 81 -0.52 -23.50 6.37
C LEU C 81 0.95 -23.57 6.78
N LYS C 82 1.79 -22.89 6.01
CA LYS C 82 3.21 -22.81 6.24
C LYS C 82 3.66 -21.37 6.39
N SER C 83 4.82 -21.18 7.02
CA SER C 83 5.36 -19.84 7.20
C SER C 83 5.53 -19.11 5.87
N GLU C 84 5.82 -19.84 4.79
CA GLU C 84 6.00 -19.22 3.49
C GLU C 84 4.70 -18.65 2.92
N ASP C 85 3.55 -19.05 3.46
CA ASP C 85 2.27 -18.57 2.99
C ASP C 85 1.92 -17.17 3.49
N GLU C 86 2.76 -16.60 4.37
CA GLU C 86 2.51 -15.31 4.97
C GLU C 86 2.67 -14.21 3.92
N ALA C 87 1.59 -13.52 3.62
CA ALA C 87 1.58 -12.51 2.55
C ALA C 87 0.26 -11.75 2.59
N ASP C 88 0.13 -10.79 1.67
CA ASP C 88 -1.13 -10.11 1.41
C ASP C 88 -1.81 -10.82 0.25
N TYR C 89 -3.15 -10.90 0.31
CA TYR C 89 -3.91 -11.59 -0.72
C TYR C 89 -5.02 -10.70 -1.23
N TYR C 90 -5.10 -10.60 -2.56
CA TYR C 90 -6.08 -9.78 -3.25
C TYR C 90 -6.89 -10.63 -4.20
N CYS C 91 -8.21 -10.50 -4.14
CA CYS C 91 -9.05 -11.04 -5.19
C CYS C 91 -9.18 -10.01 -6.31
N GLN C 92 -9.30 -10.52 -7.53
CA GLN C 92 -9.44 -9.67 -8.71
C GLN C 92 -10.52 -10.28 -9.60
N SER C 93 -11.49 -9.44 -10.00
CA SER C 93 -12.55 -9.85 -10.92
C SER C 93 -12.94 -8.67 -11.79
N ALA C 94 -14.18 -8.60 -12.26
CA ALA C 94 -14.54 -7.54 -13.20
C ALA C 94 -16.02 -7.21 -13.03
N ASP C 95 -16.39 -6.02 -13.51
CA ASP C 95 -17.76 -5.54 -13.46
C ASP C 95 -18.41 -5.68 -14.84
N ASP C 96 -19.63 -5.16 -14.97
CA ASP C 96 -20.42 -5.38 -16.19
C ASP C 96 -19.81 -4.70 -17.41
N SER C 97 -18.88 -3.76 -17.21
CA SER C 97 -18.16 -3.13 -18.31
C SER C 97 -16.81 -3.77 -18.56
N TYR C 98 -16.51 -4.87 -17.87
CA TYR C 98 -15.27 -5.62 -18.00
C TYR C 98 -14.06 -4.87 -17.46
N ASN C 99 -14.26 -3.84 -16.65
CA ASN C 99 -13.16 -3.21 -15.93
C ASN C 99 -12.75 -4.09 -14.78
N TRP C 100 -11.45 -4.21 -14.55
CA TRP C 100 -10.99 -4.96 -13.38
C TRP C 100 -11.44 -4.28 -12.09
N VAL C 101 -11.77 -5.09 -11.09
CA VAL C 101 -12.01 -4.61 -9.74
C VAL C 101 -11.23 -5.51 -8.79
N PHE C 102 -10.42 -4.89 -7.90
CA PHE C 102 -9.69 -5.63 -6.89
C PHE C 102 -10.44 -5.57 -5.55
N GLY C 103 -10.30 -6.65 -4.78
CA GLY C 103 -10.68 -6.59 -3.38
C GLY C 103 -9.69 -5.75 -2.59
N GLY C 104 -10.11 -5.36 -1.39
CA GLY C 104 -9.32 -4.47 -0.56
C GLY C 104 -8.02 -5.06 -0.03
N GLY C 105 -7.87 -6.37 -0.09
CA GLY C 105 -6.66 -7.01 0.39
C GLY C 105 -6.82 -7.59 1.78
N THR C 106 -6.18 -8.73 2.00
CA THR C 106 -6.20 -9.45 3.27
C THR C 106 -4.77 -9.78 3.64
N ARG C 107 -4.34 -9.35 4.84
CA ARG C 107 -3.04 -9.77 5.36
C ARG C 107 -3.22 -11.10 6.07
N LEU C 108 -2.45 -12.11 5.64
CA LEU C 108 -2.52 -13.44 6.23
C LEU C 108 -1.29 -13.62 7.12
N THR C 109 -1.54 -13.84 8.41
CA THR C 109 -0.48 -14.08 9.39
C THR C 109 -0.46 -15.56 9.76
N VAL C 110 0.73 -16.16 9.70
CA VAL C 110 0.97 -17.50 10.21
C VAL C 110 1.48 -17.35 11.65
N LEU C 111 0.62 -17.63 12.62
CA LEU C 111 0.86 -17.23 14.00
C LEU C 111 2.09 -17.94 14.56
N SER C 112 3.06 -17.15 15.03
CA SER C 112 4.28 -17.66 15.64
C SER C 112 4.53 -17.07 17.02
N GLN C 113 3.57 -16.31 17.56
CA GLN C 113 3.62 -15.84 18.94
C GLN C 113 2.22 -15.39 19.32
N PRO C 114 1.97 -15.13 20.61
CA PRO C 114 0.60 -14.80 21.04
C PRO C 114 0.18 -13.41 20.58
N LYS C 115 -1.13 -13.23 20.47
CA LYS C 115 -1.69 -11.93 20.09
C LYS C 115 -1.26 -10.85 21.09
N ALA C 116 -0.84 -9.71 20.56
CA ALA C 116 -0.41 -8.57 21.37
C ALA C 116 -1.15 -7.33 20.90
N ALA C 117 -1.81 -6.65 21.84
CA ALA C 117 -2.56 -5.43 21.52
C ALA C 117 -1.61 -4.23 21.43
N PRO C 118 -1.97 -3.21 20.66
CA PRO C 118 -1.06 -2.07 20.47
C PRO C 118 -0.99 -1.18 21.71
N SER C 119 0.18 -0.61 21.90
CA SER C 119 0.40 0.49 22.85
C SER C 119 0.44 1.78 22.06
N VAL C 120 -0.36 2.76 22.47
CA VAL C 120 -0.60 3.97 21.70
C VAL C 120 -0.13 5.19 22.50
N THR C 121 0.66 6.04 21.84
CA THR C 121 1.04 7.34 22.38
C THR C 121 0.69 8.41 21.36
N LEU C 122 -0.11 9.39 21.76
CA LEU C 122 -0.54 10.46 20.87
C LEU C 122 0.05 11.78 21.35
N PHE C 123 0.80 12.47 20.45
CA PHE C 123 1.42 13.75 20.72
C PHE C 123 0.64 14.88 20.05
N PRO C 124 0.46 16.03 20.71
CA PRO C 124 -0.15 17.19 20.03
C PRO C 124 0.89 18.00 19.29
N PRO C 125 0.47 19.04 18.56
CA PRO C 125 1.45 19.94 17.92
C PRO C 125 2.34 20.62 18.94
N SER C 126 3.61 20.80 18.59
CA SER C 126 4.56 21.49 19.45
C SER C 126 4.42 22.99 19.28
N SER C 127 4.79 23.73 20.33
CA SER C 127 4.72 25.19 20.27
C SER C 127 5.58 25.74 19.14
N GLU C 128 6.76 25.13 18.93
CA GLU C 128 7.69 25.60 17.90
C GLU C 128 7.11 25.38 16.51
N GLU C 129 6.33 24.32 16.33
CA GLU C 129 5.69 24.06 15.05
C GLU C 129 4.50 24.98 14.83
N LEU C 130 3.69 25.20 15.88
CA LEU C 130 2.52 26.04 15.76
C LEU C 130 2.90 27.47 15.37
N GLN C 131 3.98 28.00 15.93
CA GLN C 131 4.41 29.33 15.52
C GLN C 131 5.23 29.32 14.23
N ALA C 132 5.42 28.14 13.63
CA ALA C 132 5.80 28.01 12.21
C ALA C 132 4.58 27.78 11.34
N ASN C 133 3.39 27.91 11.92
CA ASN C 133 2.10 27.86 11.23
C ASN C 133 1.76 26.48 10.69
N LYS C 134 2.24 25.41 11.34
CA LYS C 134 1.83 24.06 11.02
C LYS C 134 1.42 23.36 12.31
N ALA C 135 0.48 22.43 12.19
CA ALA C 135 0.03 21.62 13.31
C ALA C 135 0.03 20.16 12.86
N THR C 136 0.63 19.29 13.67
CA THR C 136 0.70 17.86 13.34
C THR C 136 0.46 17.06 14.61
N LEU C 137 -0.65 16.34 14.65
CA LEU C 137 -0.86 15.32 15.66
C LEU C 137 -0.13 14.05 15.23
N VAL C 138 0.69 13.51 16.12
CA VAL C 138 1.52 12.33 15.84
C VAL C 138 1.04 11.19 16.72
N CYS C 139 0.51 10.14 16.09
CA CYS C 139 0.03 8.96 16.79
C CYS C 139 0.96 7.79 16.47
N LEU C 140 1.65 7.29 17.51
CA LEU C 140 2.61 6.20 17.36
C LEU C 140 2.05 4.95 18.02
N ILE C 141 2.09 3.86 17.26
CA ILE C 141 1.51 2.58 17.63
C ILE C 141 2.65 1.56 17.64
N SER C 142 2.68 0.70 18.67
CA SER C 142 3.75 -0.28 18.72
C SER C 142 3.40 -1.50 19.57
N ASP C 143 4.28 -2.50 19.44
CA ASP C 143 4.20 -3.76 20.18
C ASP C 143 2.93 -4.55 19.89
N PHE C 144 2.49 -4.59 18.63
CA PHE C 144 1.27 -5.34 18.29
C PHE C 144 1.59 -6.48 17.34
N TYR C 145 0.77 -7.55 17.47
CA TYR C 145 0.87 -8.79 16.68
C TYR C 145 -0.49 -9.47 16.68
N PRO C 146 -1.02 -9.91 15.51
CA PRO C 146 -0.43 -9.89 14.17
C PRO C 146 -0.27 -8.48 13.61
N GLY C 147 0.52 -8.35 12.55
CA GLY C 147 0.91 -7.05 12.04
C GLY C 147 -0.11 -6.37 11.16
N ALA C 148 -1.33 -6.22 11.68
CA ALA C 148 -2.41 -5.58 10.93
C ALA C 148 -3.21 -4.68 11.86
N VAL C 149 -3.36 -3.42 11.46
CA VAL C 149 -4.24 -2.47 12.15
C VAL C 149 -4.96 -1.60 11.14
N THR C 150 -6.04 -0.98 11.60
CA THR C 150 -6.63 0.19 10.95
C THR C 150 -6.55 1.34 11.93
N VAL C 151 -6.28 2.54 11.43
CA VAL C 151 -6.24 3.74 12.25
C VAL C 151 -7.35 4.68 11.80
N ALA C 152 -8.09 5.24 12.75
CA ALA C 152 -9.08 6.28 12.49
C ALA C 152 -8.76 7.45 13.39
N TRP C 153 -9.11 8.65 12.95
CA TRP C 153 -8.88 9.87 13.73
C TRP C 153 -10.20 10.53 13.94
N LYS C 154 -10.46 11.10 15.09
CA LYS C 154 -11.74 11.79 15.25
C LYS C 154 -11.49 13.19 15.76
N ALA C 155 -12.33 14.13 15.37
CA ALA C 155 -12.30 15.53 15.82
C ALA C 155 -13.59 15.72 16.56
N ASP C 156 -13.48 15.92 17.86
CA ASP C 156 -14.67 16.07 18.73
C ASP C 156 -15.58 14.87 18.52
N SER C 157 -15.05 13.68 18.56
CA SER C 157 -15.88 12.47 18.36
C SER C 157 -16.64 12.50 17.03
N SER C 158 -16.05 12.97 15.97
CA SER C 158 -16.61 12.99 14.60
C SER C 158 -15.50 12.48 13.69
N PRO C 159 -15.71 11.68 12.66
CA PRO C 159 -14.61 11.21 11.91
C PRO C 159 -13.88 12.30 11.13
N VAL C 160 -12.56 12.28 11.11
CA VAL C 160 -11.71 13.20 10.35
C VAL C 160 -11.60 12.71 8.92
N LYS C 161 -12.04 13.53 7.97
CA LYS C 161 -12.14 13.10 6.58
C LYS C 161 -10.96 13.54 5.73
N ALA C 162 -10.00 14.25 6.29
CA ALA C 162 -8.89 14.77 5.50
C ALA C 162 -7.62 14.90 6.34
N GLY C 163 -6.50 14.93 5.64
CA GLY C 163 -5.23 15.26 6.24
C GLY C 163 -4.49 14.14 6.92
N VAL C 164 -4.94 12.89 6.75
CA VAL C 164 -4.40 11.74 7.46
C VAL C 164 -3.42 10.99 6.55
N GLU C 165 -2.27 10.62 7.10
CA GLU C 165 -1.31 9.73 6.46
C GLU C 165 -0.85 8.70 7.48
N THR C 166 -0.84 7.43 7.09
CA THR C 166 -0.50 6.32 7.97
C THR C 166 0.52 5.42 7.30
N THR C 167 1.39 4.82 8.12
CA THR C 167 2.44 3.97 7.60
C THR C 167 2.03 2.50 7.67
N THR C 168 2.68 1.68 6.84
CA THR C 168 2.48 0.24 6.94
C THR C 168 3.04 -0.29 8.25
N PRO C 169 2.39 -1.28 8.88
CA PRO C 169 3.05 -1.98 10.01
C PRO C 169 4.44 -2.42 9.62
N SER C 170 5.39 -2.17 10.52
CA SER C 170 6.80 -2.46 10.31
C SER C 170 7.32 -3.34 11.45
N LYS C 171 8.08 -4.36 11.08
CA LYS C 171 8.58 -5.34 12.04
C LYS C 171 9.63 -4.70 12.93
N GLN C 172 9.35 -4.60 14.23
CA GLN C 172 10.33 -4.12 15.19
C GLN C 172 11.19 -5.27 15.71
N SER C 173 12.23 -4.91 16.47
CA SER C 173 13.27 -5.88 16.84
C SER C 173 12.68 -7.19 17.35
N ASN C 174 11.68 -7.11 18.21
CA ASN C 174 11.13 -8.29 18.87
C ASN C 174 10.08 -9.01 18.03
N ASN C 175 10.07 -8.80 16.72
CA ASN C 175 9.14 -9.44 15.79
C ASN C 175 7.68 -9.14 16.14
N LYS C 176 7.42 -8.09 16.91
CA LYS C 176 6.12 -7.45 16.97
C LYS C 176 6.13 -6.31 15.94
N TYR C 177 5.04 -5.56 15.85
CA TYR C 177 4.92 -4.58 14.79
C TYR C 177 4.66 -3.17 15.33
N ALA C 178 5.09 -2.19 14.54
CA ALA C 178 4.96 -0.78 14.86
C ALA C 178 4.39 -0.04 13.65
N ALA C 179 3.63 1.01 13.95
CA ALA C 179 3.04 1.83 12.90
C ALA C 179 2.85 3.25 13.42
N SER C 180 2.77 4.20 12.49
CA SER C 180 2.59 5.60 12.84
C SER C 180 1.53 6.23 11.95
N SER C 181 0.75 7.16 12.52
CA SER C 181 -0.26 7.90 11.80
C SER C 181 -0.11 9.38 12.12
N TYR C 182 -0.37 10.21 11.10
CA TYR C 182 -0.18 11.66 11.21
C TYR C 182 -1.45 12.37 10.74
N LEU C 183 -1.89 13.35 11.52
CA LEU C 183 -3.03 14.20 11.17
C LEU C 183 -2.53 15.63 11.05
N SER C 184 -2.52 16.16 9.83
CA SER C 184 -1.98 17.48 9.56
C SER C 184 -3.10 18.52 9.58
N LEU C 185 -2.89 19.58 10.34
CA LEU C 185 -3.86 20.67 10.48
C LEU C 185 -3.15 22.00 10.28
N THR C 186 -3.95 23.07 10.18
CA THR C 186 -3.42 24.38 10.48
C THR C 186 -3.59 24.67 11.96
N PRO C 187 -2.76 25.54 12.55
CA PRO C 187 -2.97 25.88 13.97
C PRO C 187 -4.38 26.38 14.26
N GLU C 188 -4.98 27.13 13.33
CA GLU C 188 -6.34 27.62 13.50
C GLU C 188 -7.33 26.47 13.55
N GLN C 189 -7.13 25.44 12.73
CA GLN C 189 -7.99 24.26 12.79
C GLN C 189 -7.74 23.46 14.07
N TRP C 190 -6.48 23.37 14.49
CA TRP C 190 -6.13 22.66 15.71
C TRP C 190 -6.88 23.23 16.92
N LYS C 191 -7.00 24.56 16.99
CA LYS C 191 -7.65 25.21 18.12
C LYS C 191 -9.14 25.38 17.91
N SER C 192 -9.71 24.79 16.86
CA SER C 192 -11.13 24.92 16.58
C SER C 192 -11.95 23.74 17.08
N HIS C 193 -11.32 22.75 17.71
CA HIS C 193 -12.02 21.61 18.27
C HIS C 193 -11.55 21.37 19.71
N ARG C 194 -12.48 20.93 20.55
CA ARG C 194 -12.15 20.74 21.96
C ARG C 194 -11.14 19.62 22.14
N SER C 195 -11.27 18.53 21.38
CA SER C 195 -10.35 17.40 21.54
C SER C 195 -10.26 16.60 20.24
N TYR C 196 -9.19 15.81 20.15
CA TYR C 196 -8.91 14.96 19.01
C TYR C 196 -8.56 13.56 19.49
N SER C 197 -8.98 12.55 18.75
CA SER C 197 -8.70 11.17 19.10
C SER C 197 -7.92 10.46 18.00
N CYS C 198 -7.08 9.52 18.42
CA CYS C 198 -6.44 8.54 17.54
C CYS C 198 -6.97 7.17 17.96
N GLN C 199 -7.75 6.54 17.09
CA GLN C 199 -8.38 5.25 17.38
C GLN C 199 -7.68 4.15 16.59
N VAL C 200 -7.11 3.19 17.30
CA VAL C 200 -6.27 2.14 16.71
C VAL C 200 -6.97 0.79 16.94
N THR C 201 -7.42 0.17 15.86
CA THR C 201 -8.16 -1.07 15.93
C THR C 201 -7.25 -2.24 15.56
N HIS C 202 -7.21 -3.26 16.44
CA HIS C 202 -6.38 -4.44 16.23
C HIS C 202 -7.16 -5.67 16.68
N GLU C 203 -7.25 -6.66 15.80
CA GLU C 203 -7.97 -7.90 16.07
C GLU C 203 -9.33 -7.62 16.71
N GLY C 204 -10.06 -6.70 16.09
CA GLY C 204 -11.43 -6.46 16.49
C GLY C 204 -11.59 -5.71 17.79
N SER C 205 -10.53 -5.10 18.30
CA SER C 205 -10.59 -4.35 19.55
C SER C 205 -9.84 -3.05 19.38
N THR C 206 -10.38 -1.97 19.94
CA THR C 206 -9.89 -0.62 19.67
C THR C 206 -9.21 -0.01 20.89
N VAL C 207 -8.02 0.54 20.67
CA VAL C 207 -7.26 1.29 21.67
C VAL C 207 -7.24 2.75 21.25
N GLU C 208 -7.57 3.65 22.18
CA GLU C 208 -7.73 5.06 21.85
C GLU C 208 -6.95 5.95 22.82
N LYS C 209 -6.43 7.05 22.28
CA LYS C 209 -5.79 8.10 23.04
C LYS C 209 -6.24 9.44 22.48
N THR C 210 -6.38 10.44 23.35
CA THR C 210 -6.87 11.73 22.93
C THR C 210 -6.01 12.86 23.49
N VAL C 211 -6.05 14.00 22.79
CA VAL C 211 -5.37 15.23 23.20
C VAL C 211 -6.31 16.41 23.01
N ALA C 212 -5.92 17.56 23.56
CA ALA C 212 -6.71 18.78 23.47
C ALA C 212 -5.77 19.98 23.39
N PRO C 213 -6.19 21.05 22.70
CA PRO C 213 -5.36 22.27 22.66
C PRO C 213 -5.17 22.92 24.02
N THR C 214 -5.96 22.55 25.02
CA THR C 214 -5.89 23.13 26.37
C THR C 214 -5.43 24.59 26.40
N SER D 16 -8.04 -27.90 -40.74
CA SER D 16 -9.33 -28.00 -40.00
C SER D 16 -9.17 -27.65 -38.52
N LYS D 17 -8.07 -28.04 -37.90
CA LYS D 17 -7.86 -27.82 -36.47
C LYS D 17 -6.78 -26.76 -36.23
N TYR D 18 -7.07 -25.82 -35.32
CA TYR D 18 -6.13 -24.80 -34.87
C TYR D 18 -6.08 -24.86 -33.34
N ARG D 19 -4.89 -24.65 -32.78
CA ARG D 19 -4.71 -24.77 -31.34
C ARG D 19 -4.75 -23.40 -30.68
N LEU D 20 -5.52 -23.30 -29.59
CA LEU D 20 -5.67 -22.05 -28.87
C LEU D 20 -4.45 -21.80 -27.98
N ILE D 21 -3.90 -20.59 -28.08
CA ILE D 21 -2.76 -20.22 -27.26
C ILE D 21 -3.22 -19.32 -26.12
O6 BU3 E . 14.77 7.56 -12.79
C3 BU3 E . 15.60 8.68 -12.80
C4 BU3 E . 16.91 8.34 -12.09
C2 BU3 E . 14.96 9.86 -12.06
O5 BU3 E . 14.59 9.47 -10.77
C1 BU3 E . 13.72 10.32 -12.84
HO6 BU3 E . 15.11 6.97 -13.31
H3 BU3 E . 15.76 8.95 -13.72
H41 BU3 E . 17.47 9.13 -12.05
H42 BU3 E . 16.72 8.02 -11.20
H43 BU3 E . 17.37 7.65 -12.59
H2 BU3 E . 15.59 10.59 -12.00
HO5 BU3 E . 15.23 9.61 -10.22
H11 BU3 E . 13.99 10.60 -13.73
H12 BU3 E . 13.09 9.58 -12.90
H13 BU3 E . 13.31 11.06 -12.38
O6 BU3 F . 5.34 15.96 -20.55
C3 BU3 F . 6.18 14.88 -20.26
C4 BU3 F . 7.22 15.28 -19.21
C2 BU3 F . 6.88 14.43 -21.54
O5 BU3 F . 5.90 14.31 -22.55
C1 BU3 F . 7.57 13.09 -21.33
HO6 BU3 F . 5.15 15.99 -21.38
H3 BU3 F . 5.65 14.14 -19.91
H41 BU3 F . 6.76 15.69 -18.45
H42 BU3 F . 7.69 14.50 -18.92
H43 BU3 F . 7.84 15.92 -19.60
H2 BU3 F . 7.55 15.08 -21.81
HO5 BU3 F . 6.22 14.51 -23.31
H11 BU3 F . 6.94 12.46 -20.95
H12 BU3 F . 7.90 12.74 -22.17
H13 BU3 F . 8.32 13.21 -20.73
O6 BU3 G . -11.40 -0.61 -11.18
C3 BU3 G . -11.78 -0.52 -9.84
C4 BU3 G . -12.65 0.71 -9.64
C2 BU3 G . -10.54 -0.35 -8.96
O5 BU3 G . -9.50 0.25 -9.67
C1 BU3 G . -10.08 -1.74 -8.50
HO6 BU3 G . -11.39 -1.43 -11.40
H3 BU3 G . -12.26 -1.32 -9.60
H41 BU3 G . -12.89 0.78 -8.70
H42 BU3 G . -12.15 1.50 -9.89
H43 BU3 G . -13.45 0.64 -10.17
H2 BU3 G . -10.75 0.20 -8.20
HO5 BU3 G . -9.76 0.44 -10.45
H11 BU3 G . -9.93 -2.29 -9.28
H12 BU3 G . -9.26 -1.66 -7.99
H13 BU3 G . -10.76 -2.13 -7.95
S SO4 H . -3.24 -3.38 2.78
O1 SO4 H . -3.37 -2.25 1.87
O2 SO4 H . -3.80 -4.57 2.17
O3 SO4 H . -1.83 -3.62 3.09
O4 SO4 H . -3.95 -3.08 4.03
S SO4 I . 11.04 -7.36 -15.60
O1 SO4 I . 11.69 -7.75 -16.85
O2 SO4 I . 9.80 -8.11 -15.45
O3 SO4 I . 11.92 -7.64 -14.47
O4 SO4 I . 10.74 -5.94 -15.64
S SO4 J . -1.20 15.33 4.05
O1 SO4 J . -0.45 14.51 3.10
O2 SO4 J . -2.45 15.72 3.45
O3 SO4 J . -1.44 14.55 5.27
O4 SO4 J . -0.41 16.52 4.39
S SO4 K . 6.90 6.58 0.06
O1 SO4 K . 7.27 7.12 -1.24
O2 SO4 K . 5.52 6.13 0.02
O3 SO4 K . 7.77 5.47 0.39
O4 SO4 K . 7.04 7.62 1.08
S SO4 L . -7.76 -14.16 -16.91
O1 SO4 L . -7.27 -13.75 -18.22
O2 SO4 L . -8.86 -15.10 -17.08
O3 SO4 L . -6.69 -14.78 -16.13
O4 SO4 L . -8.25 -12.99 -16.19
O6 BU3 M . 4.77 -4.29 -0.75
C3 BU3 M . 4.45 -3.55 -1.90
C4 BU3 M . 5.40 -3.92 -3.04
C2 BU3 M . 4.51 -2.06 -1.59
O5 BU3 M . 3.62 -1.80 -0.53
C1 BU3 M . 4.10 -1.25 -2.81
HO6 BU3 M . 4.52 -3.89 -0.05
H3 BU3 M . 3.53 -3.77 -2.19
H41 BU3 M . 6.25 -3.50 -2.88
H42 BU3 M . 5.51 -4.88 -3.07
H43 BU3 M . 5.03 -3.61 -3.89
H2 BU3 M . 5.41 -1.81 -1.34
HO5 BU3 M . 2.92 -2.26 -0.63
H11 BU3 M . 4.64 -1.52 -3.58
H12 BU3 M . 3.17 -1.40 -3.01
H13 BU3 M . 4.24 -0.30 -2.64
O6 BU3 N . 8.68 -3.17 -4.72
C3 BU3 N . 8.00 -2.99 -5.92
C4 BU3 N . 7.38 -4.32 -6.38
C2 BU3 N . 8.96 -2.51 -7.01
O5 BU3 N . 10.13 -3.28 -7.01
C1 BU3 N . 9.32 -1.05 -6.73
HO6 BU3 N . 8.83 -3.99 -4.60
H3 BU3 N . 7.30 -2.33 -5.79
H41 BU3 N . 6.79 -4.64 -5.68
H42 BU3 N . 8.08 -4.96 -6.54
H43 BU3 N . 6.87 -4.17 -7.19
H2 BU3 N . 8.55 -2.59 -7.88
HO5 BU3 N . 10.40 -3.38 -6.21
H11 BU3 N . 9.94 -0.72 -7.40
H12 BU3 N . 9.71 -0.97 -5.85
H13 BU3 N . 8.51 -0.51 -6.76
S SO4 O . 2.09 21.95 3.57
O1 SO4 O . 1.24 21.45 2.48
O2 SO4 O . 2.47 23.32 3.28
O3 SO4 O . 3.27 21.11 3.68
O4 SO4 O . 1.34 21.90 4.82
S SO4 P . 13.60 -1.67 16.52
O1 SO4 P . 13.22 -2.41 15.33
O2 SO4 P . 13.25 -0.25 16.35
O3 SO4 P . 12.89 -2.22 17.67
O4 SO4 P . 15.03 -1.79 16.74
S SO4 Q . 3.30 -19.78 -3.77
O1 SO4 Q . 3.30 -19.25 -5.13
O2 SO4 Q . 1.92 -19.96 -3.33
O3 SO4 Q . 3.98 -18.85 -2.89
O4 SO4 Q . 3.98 -21.07 -3.76
O6 BU3 R . -12.59 -9.97 9.48
C3 BU3 R . -12.57 -8.92 10.41
C4 BU3 R . -13.97 -8.35 10.60
C2 BU3 R . -11.62 -7.87 9.86
O5 BU3 R . -12.03 -7.55 8.56
C1 BU3 R . -10.20 -8.41 9.83
HO6 BU3 R . -12.41 -9.66 8.71
H3 BU3 R . -12.26 -9.24 11.27
H41 BU3 R . -14.56 -9.04 10.96
H42 BU3 R . -14.32 -8.04 9.76
H43 BU3 R . -13.93 -7.61 11.23
H2 BU3 R . -11.64 -7.07 10.42
HO5 BU3 R . -11.97 -6.71 8.44
H11 BU3 R . -10.15 -9.16 9.22
H12 BU3 R . -9.95 -8.71 10.73
H13 BU3 R . -9.59 -7.71 9.54
O6 BU3 S . 9.57 -8.16 23.72
C3 BU3 S . 9.77 -7.11 24.63
C4 BU3 S . 8.44 -6.49 25.02
C2 BU3 S . 10.66 -6.07 23.94
O5 BU3 S . 11.81 -6.70 23.44
C1 BU3 S . 11.05 -4.99 24.94
HO6 BU3 S . 9.34 -8.87 24.11
H3 BU3 S . 10.20 -7.45 25.43
H41 BU3 S . 8.59 -5.83 25.72
H42 BU3 S . 8.05 -6.05 24.24
H43 BU3 S . 7.84 -7.18 25.34
H2 BU3 S . 10.18 -5.66 23.20
HO5 BU3 S . 11.68 -7.53 23.30
H11 BU3 S . 11.70 -4.39 24.53
H12 BU3 S . 11.44 -5.39 25.72
H13 BU3 S . 10.26 -4.48 25.19
#